data_1EMJ
#
_entry.id   1EMJ
#
_cell.length_a   48.554
_cell.length_b   64.853
_cell.length_c   96.010
_cell.angle_alpha   90.00
_cell.angle_beta   90.00
_cell.angle_gamma   90.00
#
_symmetry.space_group_name_H-M   'P 21 21 21'
#
loop_
_entity.id
_entity.type
_entity.pdbx_description
1 polymer "DNA (5'-D(*TP*GP*TP*(ASU)P*AP*TP*CP*TP*T)-3')"
2 polymer "DNA (5'-D(*AP*AP*AP*GP*AP*TP*AP*AP*CP*A)-3')"
3 polymer 'URACIL-DNA GLYCOSYLASE'
4 non-polymer URACIL
5 water water
#
loop_
_entity_poly.entity_id
_entity_poly.type
_entity_poly.pdbx_seq_one_letter_code
_entity_poly.pdbx_strand_id
1 'polydeoxyribonucleotide' (DT)(DG)(DT)(ASU)(DA)(DT)(DC)(DT)(DT) B
2 'polydeoxyribonucleotide' (DA)(DA)(DA)(DG)(DA)(DT)(DA)(DA)(DC)(DA) C
3 'polypeptide(L)'
;MEFFGESWKKHLSGEFGKPYFIKLMGFVAEERKHYTVYPPPHQVFTWTQMCDIKDVKVVILGQDPYHGPNQAHGLCFSVQ
RPVPPPPSLENIYKELSTDIEDFVHPGHGDLSGWAKQGVLLLNAVLTVRAHQANSHKERGWEQFTDAVVSWLNQNSNGLV
FLLWGSYAQKKGSAIDRKRHHVLQTAHPSPLSVYRGFFGCRHFSKTNELLQKSGKKPIDWKEL
;
A
#
# COMPACT_ATOMS: atom_id res chain seq x y z
N MET C 1 4.49 -5.57 -22.28
CA MET C 1 3.73 -5.30 -21.02
C MET C 1 3.74 -6.52 -20.11
N GLU C 2 3.88 -6.29 -18.80
CA GLU C 2 3.89 -7.36 -17.82
C GLU C 2 3.49 -6.99 -16.38
N PHE C 3 3.87 -7.84 -15.41
CA PHE C 3 3.54 -7.66 -13.98
C PHE C 3 4.15 -6.42 -13.35
N PHE C 4 5.42 -6.19 -13.65
CA PHE C 4 6.15 -5.04 -13.14
C PHE C 4 6.06 -3.89 -14.12
N GLY C 5 5.79 -2.70 -13.60
CA GLY C 5 5.74 -1.50 -14.45
C GLY C 5 7.18 -1.20 -14.86
N GLU C 6 7.36 -0.65 -16.05
CA GLU C 6 8.66 -0.31 -16.62
C GLU C 6 9.71 0.29 -15.68
N SER C 7 9.39 1.44 -15.11
CA SER C 7 10.29 2.15 -14.20
C SER C 7 10.62 1.42 -12.90
N TRP C 8 9.66 0.67 -12.39
CA TRP C 8 9.85 -0.08 -11.14
C TRP C 8 10.78 -1.27 -11.31
N LYS C 9 10.66 -1.95 -12.46
CA LYS C 9 11.50 -3.10 -12.78
C LYS C 9 12.96 -2.64 -12.92
N LYS C 10 13.15 -1.47 -13.52
CA LYS C 10 14.48 -0.86 -13.74
C LYS C 10 15.21 -0.54 -12.43
N HIS C 11 14.46 -0.10 -11.42
CA HIS C 11 15.04 0.28 -10.14
C HIS C 11 14.97 -0.76 -9.02
N LEU C 12 14.24 -1.84 -9.26
CA LEU C 12 14.10 -2.93 -8.27
C LEU C 12 14.75 -4.24 -8.74
N SER C 13 15.32 -4.22 -9.96
CA SER C 13 15.97 -5.38 -10.57
C SER C 13 17.08 -6.06 -9.79
N GLY C 14 17.80 -5.26 -9.00
CA GLY C 14 18.88 -5.79 -8.18
C GLY C 14 18.44 -6.79 -7.11
N GLU C 15 17.15 -6.79 -6.81
CA GLU C 15 16.59 -7.71 -5.82
C GLU C 15 16.28 -9.11 -6.35
N PHE C 16 16.04 -9.22 -7.66
CA PHE C 16 15.68 -10.47 -8.32
C PHE C 16 16.69 -11.61 -8.22
N GLY C 17 17.96 -11.28 -8.28
CA GLY C 17 19.01 -12.28 -8.20
C GLY C 17 19.49 -12.55 -6.78
N LYS C 18 18.85 -11.92 -5.80
CA LYS C 18 19.21 -12.11 -4.39
C LYS C 18 18.56 -13.37 -3.79
N PRO C 19 19.33 -14.15 -2.99
CA PRO C 19 18.83 -15.38 -2.36
C PRO C 19 17.48 -15.30 -1.65
N TYR C 20 17.22 -14.20 -0.93
CA TYR C 20 15.94 -14.05 -0.20
C TYR C 20 14.75 -13.98 -1.16
N PHE C 21 14.91 -13.27 -2.28
CA PHE C 21 13.84 -13.10 -3.25
C PHE C 21 13.57 -14.36 -4.06
N ILE C 22 14.64 -15.05 -4.47
CA ILE C 22 14.55 -16.30 -5.22
C ILE C 22 13.79 -17.32 -4.36
N LYS C 23 14.13 -17.34 -3.07
CA LYS C 23 13.49 -18.26 -2.13
C LYS C 23 12.06 -17.88 -1.77
N LEU C 24 11.78 -16.58 -1.74
CA LEU C 24 10.45 -16.08 -1.42
C LEU C 24 9.46 -16.50 -2.52
N MET C 25 9.86 -16.32 -3.79
CA MET C 25 9.04 -16.69 -4.94
C MET C 25 8.79 -18.19 -5.03
N GLY C 26 9.76 -18.96 -4.57
CA GLY C 26 9.67 -20.41 -4.55
C GLY C 26 8.63 -20.84 -3.53
N PHE C 27 8.63 -20.16 -2.38
CA PHE C 27 7.68 -20.41 -1.30
C PHE C 27 6.25 -20.09 -1.75
N VAL C 28 6.07 -18.91 -2.34
CA VAL C 28 4.76 -18.47 -2.85
C VAL C 28 4.20 -19.45 -3.87
N ALA C 29 5.07 -19.93 -4.77
CA ALA C 29 4.68 -20.90 -5.80
C ALA C 29 4.28 -22.24 -5.20
N GLU C 30 4.95 -22.63 -4.11
CA GLU C 30 4.69 -23.88 -3.40
C GLU C 30 3.38 -23.80 -2.60
N GLU C 31 3.06 -22.59 -2.12
CA GLU C 31 1.83 -22.33 -1.39
C GLU C 31 0.65 -22.43 -2.36
N ARG C 32 0.85 -21.91 -3.59
CA ARG C 32 -0.19 -21.92 -4.64
C ARG C 32 -0.57 -23.32 -5.14
N LYS C 33 0.31 -24.29 -4.92
CA LYS C 33 0.09 -25.67 -5.33
C LYS C 33 -0.76 -26.46 -4.32
N HIS C 34 -0.77 -25.98 -3.07
CA HIS C 34 -1.51 -26.64 -1.99
C HIS C 34 -2.69 -25.81 -1.47
N TYR C 35 -2.56 -24.49 -1.56
CA TYR C 35 -3.59 -23.56 -1.09
C TYR C 35 -3.92 -22.50 -2.12
N THR C 36 -4.93 -21.69 -1.80
CA THR C 36 -5.35 -20.57 -2.63
C THR C 36 -4.64 -19.36 -2.00
N VAL C 37 -3.87 -18.65 -2.82
CA VAL C 37 -3.10 -17.49 -2.36
C VAL C 37 -3.59 -16.20 -3.04
N TYR C 38 -3.75 -15.17 -2.21
CA TYR C 38 -4.22 -13.87 -2.68
C TYR C 38 -3.13 -12.80 -2.65
N PRO C 39 -3.06 -11.94 -3.68
CA PRO C 39 -3.86 -11.84 -4.91
C PRO C 39 -3.36 -12.84 -5.96
N PRO C 40 -4.08 -13.00 -7.10
CA PRO C 40 -3.59 -13.95 -8.13
C PRO C 40 -2.20 -13.50 -8.61
N PRO C 41 -1.39 -14.39 -9.25
CA PRO C 41 -0.04 -14.03 -9.73
C PRO C 41 0.13 -12.71 -10.47
N HIS C 42 -0.80 -12.43 -11.39
CA HIS C 42 -0.75 -11.22 -12.21
C HIS C 42 -1.11 -9.91 -11.51
N GLN C 43 -1.59 -10.02 -10.27
CA GLN C 43 -1.97 -8.84 -9.51
C GLN C 43 -1.17 -8.60 -8.25
N VAL C 44 -0.07 -9.35 -8.07
CA VAL C 44 0.79 -9.19 -6.88
C VAL C 44 1.53 -7.85 -6.94
N PHE C 45 1.83 -7.41 -8.16
CA PHE C 45 2.58 -6.19 -8.37
C PHE C 45 1.82 -5.06 -9.06
N THR C 46 0.50 -4.99 -8.84
CA THR C 46 -0.34 -3.95 -9.46
C THR C 46 0.05 -2.56 -9.01
N TRP C 47 0.67 -2.49 -7.82
CA TRP C 47 1.13 -1.23 -7.24
C TRP C 47 2.26 -0.59 -8.04
N THR C 48 2.79 -1.34 -9.01
CA THR C 48 3.86 -0.88 -9.90
C THR C 48 3.33 -0.45 -11.26
N GLN C 49 2.05 -0.73 -11.52
CA GLN C 49 1.44 -0.46 -12.82
C GLN C 49 0.58 0.79 -12.94
N MET C 50 0.48 1.55 -11.86
CA MET C 50 -0.37 2.74 -11.84
C MET C 50 0.24 4.09 -12.19
N CYS C 51 1.52 4.25 -11.88
CA CYS C 51 2.25 5.47 -12.19
C CYS C 51 3.74 5.13 -12.21
N ASP C 52 4.55 6.07 -12.72
CA ASP C 52 6.01 5.92 -12.78
C ASP C 52 6.56 6.06 -11.35
N ILE C 53 7.67 5.39 -11.05
CA ILE C 53 8.28 5.42 -9.72
C ILE C 53 8.70 6.80 -9.20
N LYS C 54 9.19 7.66 -10.08
CA LYS C 54 9.60 9.00 -9.66
C LYS C 54 8.45 10.02 -9.65
N ASP C 55 7.24 9.53 -9.87
CA ASP C 55 6.03 10.34 -9.84
C ASP C 55 5.26 10.06 -8.54
N VAL C 56 5.83 9.17 -7.72
CA VAL C 56 5.27 8.80 -6.42
C VAL C 56 5.45 10.00 -5.47
N LYS C 57 4.33 10.45 -4.91
CA LYS C 57 4.33 11.58 -3.98
C LYS C 57 3.97 11.13 -2.56
N VAL C 58 3.03 10.19 -2.47
CA VAL C 58 2.54 9.66 -1.20
C VAL C 58 2.68 8.13 -1.18
N VAL C 59 2.87 7.57 0.01
CA VAL C 59 2.96 6.11 0.17
C VAL C 59 2.04 5.69 1.31
N ILE C 60 1.05 4.86 0.99
CA ILE C 60 0.15 4.31 2.01
C ILE C 60 0.63 2.87 2.20
N LEU C 61 1.12 2.59 3.41
CA LEU C 61 1.61 1.24 3.72
C LEU C 61 0.68 0.52 4.67
N GLY C 62 0.16 -0.62 4.21
CA GLY C 62 -0.72 -1.45 5.02
C GLY C 62 0.03 -2.68 5.51
N GLN C 63 -0.70 -3.64 6.06
CA GLN C 63 -0.12 -4.86 6.61
C GLN C 63 0.14 -5.94 5.55
N ASP C 64 -0.93 -6.56 5.06
CA ASP C 64 -0.86 -7.61 4.04
C ASP C 64 -2.17 -7.55 3.22
N PRO C 65 -2.26 -8.29 2.08
CA PRO C 65 -3.49 -8.26 1.28
C PRO C 65 -4.72 -8.83 1.95
N TYR C 66 -5.90 -8.57 1.37
CA TYR C 66 -7.16 -9.09 1.88
C TYR C 66 -7.13 -10.61 1.71
N HIS C 67 -7.66 -11.35 2.68
CA HIS C 67 -7.64 -12.81 2.68
C HIS C 67 -8.93 -13.53 2.28
N GLY C 68 -9.89 -12.80 1.71
CA GLY C 68 -11.13 -13.40 1.28
C GLY C 68 -11.17 -13.46 -0.23
N PRO C 69 -12.00 -14.34 -0.86
CA PRO C 69 -12.09 -14.44 -2.32
C PRO C 69 -12.47 -13.16 -3.10
N ASN C 70 -11.78 -12.96 -4.22
CA ASN C 70 -11.95 -11.83 -5.15
C ASN C 70 -11.79 -10.42 -4.55
N GLN C 71 -11.04 -10.33 -3.46
CA GLN C 71 -10.83 -9.05 -2.79
C GLN C 71 -9.51 -8.35 -3.16
N ALA C 72 -8.39 -8.91 -2.71
CA ALA C 72 -7.06 -8.34 -2.98
C ALA C 72 -6.68 -8.32 -4.45
N HIS C 73 -6.21 -7.17 -4.93
CA HIS C 73 -5.78 -7.06 -6.32
C HIS C 73 -4.46 -6.33 -6.52
N GLY C 74 -3.65 -6.28 -5.46
CA GLY C 74 -2.35 -5.64 -5.53
C GLY C 74 -2.23 -4.19 -5.13
N LEU C 75 -3.32 -3.59 -4.74
CA LEU C 75 -3.31 -2.21 -4.26
C LEU C 75 -3.87 -2.33 -2.87
N CYS C 76 -3.11 -1.86 -1.87
CA CYS C 76 -3.54 -1.96 -0.48
C CYS C 76 -4.89 -1.30 -0.24
N PHE C 77 -5.76 -2.04 0.47
CA PHE C 77 -7.12 -1.64 0.83
C PHE C 77 -8.17 -1.54 -0.28
N SER C 78 -7.74 -1.81 -1.51
CA SER C 78 -8.61 -1.73 -2.68
C SER C 78 -9.31 -3.02 -3.10
N VAL C 79 -10.47 -2.87 -3.72
CA VAL C 79 -11.25 -3.99 -4.28
C VAL C 79 -11.89 -3.54 -5.57
N GLN C 80 -11.71 -4.32 -6.63
CA GLN C 80 -12.28 -4.01 -7.95
C GLN C 80 -13.78 -4.30 -7.96
N ARG C 81 -14.51 -3.61 -8.85
CA ARG C 81 -15.96 -3.79 -9.01
C ARG C 81 -16.21 -5.23 -9.47
N PRO C 82 -17.35 -5.87 -9.06
CA PRO C 82 -18.47 -5.43 -8.22
C PRO C 82 -18.32 -5.74 -6.72
N VAL C 83 -17.12 -6.15 -6.32
CA VAL C 83 -16.82 -6.51 -4.92
C VAL C 83 -16.99 -5.29 -4.01
N PRO C 84 -17.85 -5.41 -2.97
CA PRO C 84 -18.10 -4.31 -2.02
C PRO C 84 -16.89 -3.98 -1.13
N PRO C 85 -16.75 -2.70 -0.69
CA PRO C 85 -15.63 -2.32 0.18
C PRO C 85 -15.64 -3.15 1.47
N PRO C 86 -14.52 -3.84 1.78
CA PRO C 86 -14.43 -4.65 3.00
C PRO C 86 -14.42 -3.74 4.23
N PRO C 87 -14.65 -4.29 5.44
CA PRO C 87 -14.66 -3.50 6.68
C PRO C 87 -13.58 -2.42 6.87
N SER C 88 -12.33 -2.71 6.48
CA SER C 88 -11.23 -1.74 6.60
C SER C 88 -11.43 -0.51 5.72
N LEU C 89 -11.88 -0.74 4.48
CA LEU C 89 -12.11 0.34 3.52
C LEU C 89 -13.31 1.22 3.86
N GLU C 90 -14.33 0.61 4.46
CA GLU C 90 -15.52 1.34 4.89
C GLU C 90 -15.11 2.32 5.99
N ASN C 91 -14.13 1.92 6.80
CA ASN C 91 -13.62 2.77 7.87
C ASN C 91 -12.74 3.88 7.30
N ILE C 92 -12.02 3.58 6.21
CA ILE C 92 -11.16 4.57 5.54
C ILE C 92 -12.06 5.67 4.96
N TYR C 93 -13.15 5.23 4.33
CA TYR C 93 -14.13 6.14 3.72
C TYR C 93 -14.84 7.03 4.75
N LYS C 94 -15.03 6.48 5.95
CA LYS C 94 -15.68 7.20 7.06
C LYS C 94 -14.76 8.29 7.60
N GLU C 95 -13.46 7.98 7.65
CA GLU C 95 -12.46 8.93 8.12
C GLU C 95 -12.29 10.02 7.08
N LEU C 96 -12.31 9.62 5.81
CA LEU C 96 -12.20 10.54 4.68
C LEU C 96 -13.37 11.52 4.63
N SER C 97 -14.54 11.05 5.05
CA SER C 97 -15.76 11.86 5.09
C SER C 97 -15.71 12.96 6.16
N THR C 98 -15.08 12.64 7.30
CA THR C 98 -14.96 13.59 8.40
C THR C 98 -13.75 14.51 8.23
N ASP C 99 -12.78 14.04 7.48
CA ASP C 99 -11.52 14.76 7.23
C ASP C 99 -11.58 15.70 6.03
N ILE C 100 -12.11 15.21 4.91
CA ILE C 100 -12.23 15.98 3.67
C ILE C 100 -13.70 16.34 3.50
N GLU C 101 -13.98 17.65 3.46
CA GLU C 101 -15.33 18.20 3.34
C GLU C 101 -16.13 17.71 2.12
N ASP C 102 -15.48 17.61 0.97
CA ASP C 102 -16.12 17.18 -0.27
C ASP C 102 -16.30 15.67 -0.46
N PHE C 103 -15.57 14.87 0.32
CA PHE C 103 -15.64 13.41 0.19
C PHE C 103 -16.93 12.75 0.67
N VAL C 104 -17.48 11.94 -0.23
CA VAL C 104 -18.68 11.14 0.03
C VAL C 104 -18.31 9.73 -0.42
N HIS C 105 -19.04 8.72 0.04
CA HIS C 105 -18.80 7.33 -0.32
C HIS C 105 -18.98 7.18 -1.84
N PRO C 106 -17.94 6.70 -2.57
CA PRO C 106 -18.01 6.54 -4.03
C PRO C 106 -18.85 5.40 -4.62
N GLY C 107 -19.36 4.51 -3.76
CA GLY C 107 -20.20 3.41 -4.23
C GLY C 107 -19.43 2.19 -4.76
N HIS C 108 -18.12 2.20 -4.58
CA HIS C 108 -17.23 1.11 -5.01
C HIS C 108 -15.96 1.18 -4.16
N GLY C 109 -15.08 0.19 -4.32
CA GLY C 109 -13.86 0.20 -3.53
C GLY C 109 -12.55 0.26 -4.28
N ASP C 110 -12.61 0.53 -5.58
CA ASP C 110 -11.42 0.59 -6.42
C ASP C 110 -10.60 1.86 -6.16
N LEU C 111 -9.41 1.68 -5.61
CA LEU C 111 -8.52 2.80 -5.29
C LEU C 111 -7.48 3.16 -6.35
N SER C 112 -7.69 2.67 -7.57
CA SER C 112 -6.83 2.94 -8.72
C SER C 112 -6.66 4.45 -8.98
N GLY C 113 -7.72 5.21 -8.73
CA GLY C 113 -7.71 6.65 -8.92
C GLY C 113 -6.68 7.38 -8.09
N TRP C 114 -6.42 6.90 -6.87
CA TRP C 114 -5.41 7.50 -5.99
C TRP C 114 -4.04 7.13 -6.50
N ALA C 115 -3.91 5.86 -6.86
CA ALA C 115 -2.65 5.31 -7.35
C ALA C 115 -2.12 5.99 -8.61
N LYS C 116 -3.04 6.42 -9.49
CA LYS C 116 -2.71 7.12 -10.72
C LYS C 116 -2.19 8.53 -10.45
N GLN C 117 -2.51 9.07 -9.27
CA GLN C 117 -2.09 10.42 -8.86
C GLN C 117 -0.71 10.43 -8.19
N GLY C 118 -0.16 9.24 -7.95
CA GLY C 118 1.14 9.15 -7.32
C GLY C 118 1.11 8.65 -5.89
N VAL C 119 0.00 8.02 -5.49
CA VAL C 119 -0.11 7.47 -4.14
C VAL C 119 0.21 5.97 -4.24
N LEU C 120 1.39 5.57 -3.78
CA LEU C 120 1.79 4.16 -3.79
C LEU C 120 0.96 3.40 -2.75
N LEU C 121 0.17 2.44 -3.23
CA LEU C 121 -0.68 1.63 -2.36
C LEU C 121 -0.02 0.28 -2.06
N LEU C 122 0.97 0.32 -1.18
CA LEU C 122 1.78 -0.85 -0.80
C LEU C 122 1.41 -1.50 0.54
N ASN C 123 1.71 -2.79 0.64
CA ASN C 123 1.50 -3.58 1.85
C ASN C 123 2.90 -4.07 2.21
N ALA C 124 3.19 -4.22 3.50
CA ALA C 124 4.51 -4.69 3.96
C ALA C 124 4.78 -6.10 3.41
N VAL C 125 3.71 -6.89 3.34
CA VAL C 125 3.72 -8.27 2.84
C VAL C 125 2.78 -8.28 1.63
N LEU C 126 3.23 -8.85 0.52
CA LEU C 126 2.45 -8.84 -0.72
C LEU C 126 1.59 -10.02 -1.13
N THR C 127 1.59 -11.09 -0.34
CA THR C 127 0.74 -12.26 -0.60
C THR C 127 0.21 -12.75 0.74
N VAL C 128 -0.83 -13.56 0.69
CA VAL C 128 -1.45 -14.12 1.89
C VAL C 128 -2.17 -15.42 1.54
N ARG C 129 -2.14 -16.38 2.47
CA ARG C 129 -2.82 -17.64 2.28
C ARG C 129 -4.27 -17.36 2.67
N ALA C 130 -5.19 -17.90 1.88
CA ALA C 130 -6.63 -17.75 2.09
C ALA C 130 -7.11 -17.94 3.52
N HIS C 131 -7.95 -17.01 3.97
CA HIS C 131 -8.58 -16.98 5.31
C HIS C 131 -7.64 -16.87 6.52
N GLN C 132 -6.35 -16.63 6.25
CA GLN C 132 -5.36 -16.53 7.33
C GLN C 132 -4.53 -15.25 7.23
N ALA C 133 -4.98 -14.21 7.95
CA ALA C 133 -4.31 -12.90 7.98
C ALA C 133 -2.87 -12.99 8.45
N ASN C 134 -1.97 -12.33 7.69
CA ASN C 134 -0.54 -12.26 7.96
C ASN C 134 0.21 -13.59 7.89
N SER C 135 -0.38 -14.57 7.21
CA SER C 135 0.22 -15.91 7.06
C SER C 135 1.54 -15.98 6.30
N HIS C 136 1.77 -14.99 5.43
CA HIS C 136 3.00 -14.94 4.63
C HIS C 136 4.02 -13.92 5.11
N LYS C 137 3.90 -13.51 6.37
CA LYS C 137 4.84 -12.56 6.97
C LYS C 137 6.16 -13.27 7.27
N GLU C 138 7.25 -12.49 7.38
CA GLU C 138 8.60 -12.98 7.69
C GLU C 138 9.13 -14.10 6.79
N ARG C 139 8.75 -14.04 5.52
CA ARG C 139 9.17 -15.02 4.52
C ARG C 139 10.09 -14.42 3.45
N GLY C 140 10.23 -13.09 3.48
CA GLY C 140 11.08 -12.41 2.52
C GLY C 140 10.45 -11.16 1.94
N TRP C 141 9.12 -11.03 2.05
CA TRP C 141 8.42 -9.87 1.50
C TRP C 141 8.81 -8.54 2.15
N GLU C 142 9.11 -8.59 3.44
CA GLU C 142 9.49 -7.39 4.19
C GLU C 142 10.81 -6.81 3.69
N GLN C 143 11.74 -7.68 3.29
CA GLN C 143 13.02 -7.20 2.77
C GLN C 143 12.83 -6.61 1.38
N PHE C 144 11.89 -7.15 0.59
CA PHE C 144 11.61 -6.61 -0.73
C PHE C 144 10.93 -5.26 -0.61
N THR C 145 9.93 -5.17 0.26
CA THR C 145 9.22 -3.91 0.44
C THR C 145 10.08 -2.86 1.15
N ASP C 146 11.12 -3.32 1.85
CA ASP C 146 12.09 -2.42 2.52
C ASP C 146 12.93 -1.79 1.42
N ALA C 147 13.21 -2.56 0.37
CA ALA C 147 13.99 -2.10 -0.78
C ALA C 147 13.25 -1.01 -1.56
N VAL C 148 11.92 -1.14 -1.62
CA VAL C 148 11.05 -0.19 -2.31
C VAL C 148 11.04 1.11 -1.54
N VAL C 149 10.85 1.01 -0.22
CA VAL C 149 10.82 2.17 0.67
C VAL C 149 12.19 2.86 0.71
N SER C 150 13.25 2.07 0.72
CA SER C 150 14.63 2.57 0.74
C SER C 150 14.96 3.34 -0.52
N TRP C 151 14.52 2.83 -1.67
CA TRP C 151 14.77 3.49 -2.95
C TRP C 151 14.10 4.87 -2.95
N LEU C 152 12.83 4.91 -2.54
CA LEU C 152 12.05 6.15 -2.48
C LEU C 152 12.64 7.14 -1.49
N ASN C 153 13.13 6.63 -0.37
CA ASN C 153 13.75 7.44 0.67
C ASN C 153 15.00 8.15 0.15
N GLN C 154 15.83 7.39 -0.59
CA GLN C 154 17.09 7.87 -1.16
C GLN C 154 17.01 8.75 -2.41
N ASN C 155 16.13 8.41 -3.34
CA ASN C 155 16.02 9.14 -4.60
C ASN C 155 14.93 10.19 -4.73
N SER C 156 14.21 10.45 -3.64
CA SER C 156 13.15 11.45 -3.65
C SER C 156 13.30 12.38 -2.45
N ASN C 157 12.51 13.45 -2.47
CA ASN C 157 12.53 14.45 -1.40
C ASN C 157 11.12 14.95 -1.11
N GLY C 158 10.77 15.00 0.18
CA GLY C 158 9.47 15.49 0.61
C GLY C 158 8.26 14.61 0.43
N LEU C 159 8.45 13.28 0.52
CA LEU C 159 7.35 12.33 0.39
C LEU C 159 6.58 12.21 1.68
N VAL C 160 5.32 11.80 1.59
CA VAL C 160 4.48 11.60 2.76
C VAL C 160 4.17 10.10 2.89
N PHE C 161 4.71 9.49 3.95
CA PHE C 161 4.51 8.07 4.23
C PHE C 161 3.42 7.92 5.28
N LEU C 162 2.36 7.19 4.93
CA LEU C 162 1.24 6.90 5.82
C LEU C 162 1.37 5.44 6.24
N LEU C 163 1.87 5.22 7.45
CA LEU C 163 2.10 3.87 8.01
C LEU C 163 0.95 3.43 8.92
N TRP C 164 0.08 2.59 8.37
CA TRP C 164 -1.12 2.11 9.07
C TRP C 164 -0.97 0.71 9.67
N GLY C 165 -0.87 0.65 11.00
CA GLY C 165 -0.73 -0.63 11.69
C GLY C 165 0.67 -0.91 12.16
N SER C 166 0.81 -1.82 13.14
CA SER C 166 2.11 -2.19 13.73
C SER C 166 3.14 -2.70 12.72
N TYR C 167 2.70 -3.58 11.83
CA TYR C 167 3.61 -4.15 10.83
C TYR C 167 4.08 -3.16 9.78
N ALA C 168 3.23 -2.22 9.42
CA ALA C 168 3.57 -1.18 8.46
C ALA C 168 4.56 -0.20 9.09
N GLN C 169 4.39 -0.01 10.40
CA GLN C 169 5.22 0.89 11.21
C GLN C 169 6.67 0.46 11.41
N LYS C 170 6.97 -0.82 11.12
CA LYS C 170 8.33 -1.36 11.24
C LYS C 170 9.29 -0.72 10.23
N LYS C 171 8.71 -0.14 9.18
CA LYS C 171 9.49 0.53 8.13
C LYS C 171 9.84 1.99 8.43
N GLY C 172 9.44 2.45 9.63
CA GLY C 172 9.73 3.80 10.07
C GLY C 172 11.23 4.10 10.13
N SER C 173 12.03 3.11 10.54
CA SER C 173 13.48 3.24 10.63
C SER C 173 14.21 3.22 9.28
N ALA C 174 13.47 2.99 8.20
CA ALA C 174 14.04 2.96 6.86
C ALA C 174 13.80 4.28 6.15
N ILE C 175 13.14 5.21 6.83
CA ILE C 175 12.83 6.54 6.30
C ILE C 175 13.49 7.66 7.11
N ASP C 176 14.11 8.61 6.40
CA ASP C 176 14.75 9.78 7.00
C ASP C 176 13.57 10.70 7.37
N ARG C 177 13.36 10.84 8.68
CA ARG C 177 12.28 11.64 9.24
C ARG C 177 12.39 13.16 9.05
N LYS C 178 13.56 13.61 8.60
CA LYS C 178 13.81 15.03 8.35
C LYS C 178 13.67 15.43 6.88
N ARG C 179 13.78 14.44 5.99
CA ARG C 179 13.67 14.66 4.55
C ARG C 179 12.30 14.28 4.00
N HIS C 180 11.60 13.42 4.73
CA HIS C 180 10.26 12.96 4.35
C HIS C 180 9.34 13.09 5.56
N HIS C 181 8.03 13.11 5.30
CA HIS C 181 7.03 13.22 6.35
C HIS C 181 6.42 11.86 6.64
N VAL C 182 6.56 11.40 7.88
CA VAL C 182 6.03 10.10 8.29
C VAL C 182 4.87 10.27 9.27
N LEU C 183 3.68 9.83 8.83
CA LEU C 183 2.45 9.87 9.60
C LEU C 183 2.13 8.43 9.99
N GLN C 184 1.91 8.19 11.29
CA GLN C 184 1.65 6.86 11.82
C GLN C 184 0.37 6.78 12.66
N THR C 185 -0.45 5.77 12.38
CA THR C 185 -1.70 5.53 13.13
C THR C 185 -2.07 4.05 13.10
N ALA C 186 -3.14 3.70 13.83
CA ALA C 186 -3.60 2.31 13.89
C ALA C 186 -4.21 1.83 12.57
N HIS C 187 -4.21 0.51 12.37
CA HIS C 187 -4.78 -0.12 11.17
C HIS C 187 -6.30 0.15 11.12
N PRO C 188 -6.84 0.49 9.92
CA PRO C 188 -8.28 0.77 9.78
C PRO C 188 -9.28 -0.36 10.03
N SER C 189 -8.78 -1.59 10.23
CA SER C 189 -9.61 -2.77 10.52
C SER C 189 -10.45 -2.51 11.78
N PRO C 190 -11.72 -2.99 11.83
CA PRO C 190 -12.59 -2.80 13.00
C PRO C 190 -11.95 -3.19 14.33
N LEU C 191 -11.01 -4.14 14.25
CA LEU C 191 -10.28 -4.66 15.41
C LEU C 191 -9.22 -3.72 15.97
N SER C 192 -8.97 -2.60 15.26
CA SER C 192 -7.94 -1.64 15.66
C SER C 192 -8.25 -0.18 15.38
N VAL C 193 -9.28 0.08 14.56
CA VAL C 193 -9.69 1.42 14.15
C VAL C 193 -9.86 2.48 15.25
N TYR C 194 -10.37 2.05 16.39
CA TYR C 194 -10.64 2.92 17.54
C TYR C 194 -9.38 3.37 18.28
N ARG C 195 -8.23 2.81 17.92
CA ARG C 195 -6.95 3.12 18.55
C ARG C 195 -6.17 4.30 17.93
N GLY C 196 -6.86 5.12 17.14
CA GLY C 196 -6.20 6.26 16.54
C GLY C 196 -6.57 6.57 15.11
N PHE C 197 -7.00 5.56 14.34
CA PHE C 197 -7.35 5.79 12.93
C PHE C 197 -8.49 6.81 12.78
N PHE C 198 -9.57 6.62 13.54
CA PHE C 198 -10.68 7.56 13.51
C PHE C 198 -10.16 8.82 14.21
N GLY C 199 -10.09 9.91 13.44
CA GLY C 199 -9.60 11.18 13.97
C GLY C 199 -8.15 11.49 13.61
N CYS C 200 -7.47 10.55 12.94
CA CYS C 200 -6.06 10.74 12.55
C CYS C 200 -5.83 11.86 11.54
N ARG C 201 -6.85 12.12 10.72
CA ARG C 201 -6.84 13.17 9.69
C ARG C 201 -5.64 13.15 8.72
N HIS C 202 -5.20 11.94 8.37
CA HIS C 202 -4.05 11.73 7.49
C HIS C 202 -4.21 12.26 6.07
N PHE C 203 -5.44 12.32 5.59
CA PHE C 203 -5.71 12.76 4.23
C PHE C 203 -5.57 14.26 4.00
N SER C 204 -6.05 15.06 4.94
CA SER C 204 -5.93 16.52 4.84
C SER C 204 -4.51 16.94 5.14
N LYS C 205 -3.89 16.25 6.11
CA LYS C 205 -2.51 16.51 6.53
C LYS C 205 -1.51 16.25 5.42
N THR C 206 -1.75 15.19 4.64
CA THR C 206 -0.91 14.81 3.50
C THR C 206 -0.91 15.93 2.48
N ASN C 207 -2.11 16.43 2.17
CA ASN C 207 -2.31 17.52 1.22
C ASN C 207 -1.70 18.84 1.65
N GLU C 208 -1.67 19.08 2.97
CA GLU C 208 -1.09 20.29 3.55
C GLU C 208 0.43 20.23 3.47
N LEU C 209 1.00 19.07 3.78
CA LEU C 209 2.45 18.84 3.75
C LEU C 209 3.01 18.82 2.33
N LEU C 210 2.15 18.45 1.38
CA LEU C 210 2.49 18.40 -0.05
C LEU C 210 2.60 19.82 -0.61
N GLN C 211 1.65 20.66 -0.23
CA GLN C 211 1.61 22.07 -0.64
C GLN C 211 2.75 22.89 -0.05
N LYS C 212 3.29 22.42 1.07
CA LYS C 212 4.42 23.07 1.76
C LYS C 212 5.74 22.73 1.06
N SER C 213 5.74 21.61 0.34
CA SER C 213 6.92 21.15 -0.41
C SER C 213 6.83 21.62 -1.86
N GLY C 214 5.76 22.36 -2.18
CA GLY C 214 5.54 22.89 -3.52
C GLY C 214 4.90 21.94 -4.51
N LYS C 215 4.43 20.79 -4.02
CA LYS C 215 3.79 19.78 -4.87
C LYS C 215 2.27 19.93 -4.90
N LYS C 216 1.65 19.34 -5.93
CA LYS C 216 0.21 19.37 -6.14
C LYS C 216 -0.47 18.41 -5.14
N PRO C 217 -1.60 18.81 -4.53
CA PRO C 217 -2.29 17.94 -3.58
C PRO C 217 -3.01 16.75 -4.23
N ILE C 218 -3.34 15.75 -3.41
CA ILE C 218 -4.06 14.56 -3.87
C ILE C 218 -5.54 14.80 -3.76
N ASP C 219 -6.25 14.56 -4.87
CA ASP C 219 -7.69 14.69 -4.91
C ASP C 219 -8.17 13.30 -4.48
N TRP C 220 -8.57 13.19 -3.22
CA TRP C 220 -9.04 11.92 -2.65
C TRP C 220 -10.38 11.45 -3.19
N LYS C 221 -11.10 12.36 -3.84
CA LYS C 221 -12.41 12.09 -4.43
C LYS C 221 -12.29 11.57 -5.86
N GLU C 222 -11.10 11.69 -6.45
CA GLU C 222 -10.84 11.22 -7.81
C GLU C 222 -10.66 9.69 -7.81
N LEU C 223 -11.79 9.00 -7.83
CA LEU C 223 -11.86 7.54 -7.82
C LEU C 223 -12.77 7.02 -8.92
#